data_1NN3
#
_entry.id   1NN3
#
_cell.length_a   101.004
_cell.length_b   101.004
_cell.length_c   49.840
_cell.angle_alpha   90.00
_cell.angle_beta   90.00
_cell.angle_gamma   90.00
#
_symmetry.space_group_name_H-M   'P 43 21 2'
#
loop_
_entity.id
_entity.type
_entity.pdbx_description
1 polymer 'similar to THYMIDYLATE KINASE (DTMP KINASE)'
2 non-polymer 'MAGNESIUM ION'
3 non-polymer "3'-DEOXYTHYMIDINE-5'-MONOPHOSPHATE"
4 non-polymer "ADENOSINE-5'-DIPHOSPHATE"
5 water water
#
_entity_poly.entity_id   1
_entity_poly.type   'polypeptide(L)'
_entity_poly.pdbx_seq_one_letter_code
;GSHMAARRGALIVLEGVDRAGKSTQSRKLVEALCAAGHRAELLRFPERSTEIGKLLSSYLQKKSDVEDHSVHLLFSANRW
EQVPLIKEKLSQGVTLVVDRYAFSGVAFTGAKENFSLDWCKQPDVGLPKPDLVLFLQLQLADAAKRGAFGHERYENGAFQ
ERALRCFHQLMKDTTLNWKMVDASKSIEAVHEDIRVLSEDAIATATEKPLGELWK
;
_entity_poly.pdbx_strand_id   A
#
loop_
_chem_comp.id
_chem_comp.type
_chem_comp.name
_chem_comp.formula
2DT DNA linking 3'-DEOXYTHYMIDINE-5'-MONOPHOSPHATE 'C10 H15 N2 O7 P'
ADP non-polymer ADENOSINE-5'-DIPHOSPHATE 'C10 H15 N5 O10 P2'
MG non-polymer 'MAGNESIUM ION' 'Mg 2'
#
# COMPACT_ATOMS: atom_id res chain seq x y z
N ARG A 7 9.23 12.05 19.91
CA ARG A 7 9.20 12.40 18.44
C ARG A 7 8.63 11.21 17.68
N ARG A 8 7.39 11.27 17.22
CA ARG A 8 6.79 10.11 16.60
C ARG A 8 7.45 9.69 15.30
N GLY A 9 7.28 8.41 14.97
CA GLY A 9 7.70 7.91 13.66
C GLY A 9 6.68 8.33 12.60
N ALA A 10 7.07 8.14 11.34
CA ALA A 10 6.20 8.40 10.20
C ALA A 10 5.48 7.10 9.77
N LEU A 11 4.32 7.25 9.19
CA LEU A 11 3.55 6.11 8.63
C LEU A 11 3.68 6.24 7.13
N ILE A 12 4.46 5.32 6.55
CA ILE A 12 4.71 5.42 5.10
C ILE A 12 4.07 4.24 4.39
N VAL A 13 3.21 4.48 3.42
CA VAL A 13 2.55 3.40 2.69
C VAL A 13 3.07 3.31 1.27
N LEU A 14 3.28 2.08 0.79
CA LEU A 14 3.60 1.85 -0.62
C LEU A 14 2.38 1.18 -1.28
N GLU A 15 1.94 1.81 -2.35
CA GLU A 15 0.85 1.28 -3.18
C GLU A 15 1.34 1.23 -4.63
N GLY A 16 0.69 0.56 -5.58
N GLY A 16 0.51 0.54 -5.40
CA GLY A 16 1.30 0.59 -6.94
CA GLY A 16 0.71 0.29 -6.81
C GLY A 16 0.82 -0.57 -7.79
C GLY A 16 -0.01 -1.01 -7.21
N VAL A 17 1.03 -0.44 -9.10
N VAL A 17 -0.17 -1.20 -8.52
CA VAL A 17 0.53 -1.48 -9.99
CA VAL A 17 -0.77 -2.43 -9.02
C VAL A 17 1.26 -2.80 -9.81
C VAL A 17 0.15 -3.61 -8.73
N ASP A 18 0.63 -3.85 -10.34
N ASP A 18 -0.31 -4.82 -9.02
CA ASP A 18 1.15 -5.18 -10.16
CA ASP A 18 0.55 -5.99 -8.82
C ASP A 18 2.57 -5.32 -10.67
C ASP A 18 1.84 -5.88 -9.63
N ARG A 19 3.38 -5.95 -9.83
N ARG A 19 2.98 -6.23 -9.05
CA ARG A 19 4.78 -6.18 -10.08
CA ARG A 19 4.25 -6.24 -9.75
C ARG A 19 5.49 -4.85 -10.15
C ARG A 19 5.04 -4.99 -10.10
N ALA A 20 4.80 -3.84 -9.53
CA ALA A 20 5.45 -2.55 -9.56
C ALA A 20 6.68 -2.52 -8.65
N GLY A 21 6.67 -3.44 -7.67
CA GLY A 21 7.77 -3.47 -6.73
C GLY A 21 7.49 -3.02 -5.32
N LYS A 22 6.23 -3.07 -4.90
CA LYS A 22 5.86 -2.67 -3.54
C LYS A 22 6.63 -3.47 -2.51
N SER A 23 6.60 -4.80 -2.63
CA SER A 23 7.26 -5.59 -1.61
C SER A 23 8.78 -5.42 -1.63
N THR A 24 9.35 -5.45 -2.84
CA THR A 24 10.80 -5.26 -2.90
C THR A 24 11.20 -3.92 -2.30
N GLN A 25 10.49 -2.86 -2.72
CA GLN A 25 10.86 -1.54 -2.21
C GLN A 25 10.52 -1.34 -0.74
N SER A 26 9.51 -2.00 -0.20
CA SER A 26 9.24 -1.84 1.24
C SER A 26 10.36 -2.47 2.04
N ARG A 27 10.81 -3.67 1.61
CA ARG A 27 11.90 -4.34 2.31
C ARG A 27 13.19 -3.53 2.22
N LYS A 28 13.51 -3.03 1.04
CA LYS A 28 14.75 -2.26 0.89
C LYS A 28 14.66 -0.94 1.67
N LEU A 29 13.47 -0.34 1.74
CA LEU A 29 13.37 0.92 2.49
C LEU A 29 13.63 0.72 3.97
N VAL A 30 12.96 -0.28 4.57
CA VAL A 30 13.22 -0.53 6.01
C VAL A 30 14.70 -0.79 6.26
N GLU A 31 15.34 -1.60 5.41
CA GLU A 31 16.75 -1.90 5.60
C GLU A 31 17.56 -0.62 5.56
N ALA A 32 17.32 0.22 4.56
CA ALA A 32 18.11 1.45 4.43
C ALA A 32 17.85 2.43 5.57
N LEU A 33 16.61 2.58 5.97
CA LEU A 33 16.34 3.51 7.08
C LEU A 33 17.04 3.01 8.33
N CYS A 34 16.97 1.71 8.65
CA CYS A 34 17.65 1.22 9.85
C CYS A 34 19.18 1.36 9.75
N ALA A 35 19.74 1.18 8.54
CA ALA A 35 21.19 1.35 8.42
C ALA A 35 21.59 2.81 8.59
N ALA A 36 20.66 3.74 8.43
CA ALA A 36 20.89 5.16 8.58
C ALA A 36 20.49 5.65 9.96
N GLY A 37 20.32 4.76 10.93
CA GLY A 37 20.06 5.14 12.29
C GLY A 37 18.63 5.35 12.70
N HIS A 38 17.70 5.17 11.75
CA HIS A 38 16.30 5.28 12.16
C HIS A 38 15.83 3.95 12.77
N ARG A 39 14.77 4.05 13.54
CA ARG A 39 14.00 2.90 14.01
C ARG A 39 12.82 2.78 13.04
N ALA A 40 12.88 1.73 12.24
CA ALA A 40 11.83 1.54 11.23
C ALA A 40 11.51 0.06 11.16
N GLU A 41 10.23 -0.23 10.91
CA GLU A 41 9.77 -1.59 10.81
C GLU A 41 8.77 -1.74 9.64
N LEU A 42 8.74 -2.93 9.11
CA LEU A 42 7.88 -3.30 8.00
C LEU A 42 6.55 -3.93 8.42
N LEU A 43 5.50 -3.48 7.73
CA LEU A 43 4.19 -4.09 7.88
C LEU A 43 3.61 -4.37 6.51
N ARG A 44 2.63 -5.24 6.35
CA ARG A 44 2.01 -5.46 5.05
C ARG A 44 0.52 -5.73 5.27
N PHE A 45 -0.26 -5.49 4.24
CA PHE A 45 -1.68 -5.87 4.27
C PHE A 45 -1.98 -6.56 2.97
N PRO A 46 -2.76 -7.65 3.00
CA PRO A 46 -3.26 -8.21 4.23
C PRO A 46 -2.18 -8.83 5.09
N GLU A 47 -2.41 -8.76 6.38
CA GLU A 47 -1.53 -9.38 7.38
C GLU A 47 -2.13 -10.79 7.52
N ARG A 48 -1.55 -11.73 6.79
CA ARG A 48 -2.14 -13.07 6.70
C ARG A 48 -2.01 -13.93 7.92
N SER A 49 -1.34 -13.49 8.97
CA SER A 49 -1.09 -14.32 10.14
C SER A 49 -2.24 -14.40 11.13
N THR A 50 -3.13 -13.43 11.12
CA THR A 50 -4.24 -13.47 12.09
C THR A 50 -5.36 -14.37 11.61
N GLU A 51 -6.32 -14.61 12.49
CA GLU A 51 -7.50 -15.40 12.15
C GLU A 51 -8.14 -14.83 10.89
N ILE A 52 -8.34 -13.50 10.92
CA ILE A 52 -8.91 -12.83 9.74
C ILE A 52 -8.01 -12.94 8.54
N GLY A 53 -6.72 -12.74 8.77
CA GLY A 53 -5.75 -12.85 7.66
C GLY A 53 -5.74 -14.25 7.07
N LYS A 54 -5.96 -15.29 7.85
CA LYS A 54 -5.99 -16.63 7.24
C LYS A 54 -7.17 -16.80 6.31
N LEU A 55 -8.33 -16.22 6.70
CA LEU A 55 -9.49 -16.31 5.83
C LEU A 55 -9.22 -15.55 4.52
N LEU A 56 -8.54 -14.41 4.63
CA LEU A 56 -8.22 -13.61 3.45
C LEU A 56 -7.21 -14.30 2.54
N SER A 57 -6.25 -14.97 3.17
CA SER A 57 -5.24 -15.66 2.34
C SER A 57 -5.90 -16.81 1.60
N SER A 58 -6.80 -17.52 2.29
CA SER A 58 -7.50 -18.63 1.62
C SER A 58 -8.33 -18.12 0.47
N TYR A 59 -9.02 -17.00 0.64
CA TYR A 59 -9.80 -16.40 -0.43
C TYR A 59 -8.92 -16.03 -1.63
N LEU A 60 -7.81 -15.36 -1.37
CA LEU A 60 -6.92 -14.91 -2.46
C LEU A 60 -6.33 -16.12 -3.20
N GLN A 61 -6.13 -17.21 -2.48
CA GLN A 61 -5.57 -18.42 -3.10
C GLN A 61 -6.62 -19.22 -3.86
N LYS A 62 -7.87 -18.80 -3.76
CA LYS A 62 -8.99 -19.47 -4.41
C LYS A 62 -9.30 -20.79 -3.73
N LYS A 63 -8.88 -20.94 -2.49
CA LYS A 63 -9.16 -22.14 -1.71
C LYS A 63 -10.55 -22.00 -1.07
N SER A 64 -11.05 -20.77 -1.04
CA SER A 64 -12.39 -20.54 -0.52
C SER A 64 -13.01 -19.38 -1.29
N ASP A 65 -14.34 -19.35 -1.24
CA ASP A 65 -15.11 -18.29 -1.87
C ASP A 65 -15.72 -17.50 -0.71
N VAL A 66 -15.71 -16.19 -0.87
CA VAL A 66 -16.28 -15.29 0.15
C VAL A 66 -17.10 -14.24 -0.58
N GLU A 67 -18.28 -13.98 -0.05
CA GLU A 67 -19.14 -12.94 -0.63
C GLU A 67 -18.36 -11.62 -0.72
N ASP A 68 -18.53 -10.87 -1.81
CA ASP A 68 -17.70 -9.71 -2.08
C ASP A 68 -17.74 -8.62 -1.01
N HIS A 69 -18.90 -8.38 -0.41
CA HIS A 69 -18.94 -7.34 0.65
C HIS A 69 -18.28 -7.87 1.91
N SER A 70 -18.58 -9.13 2.25
CA SER A 70 -17.97 -9.72 3.44
C SER A 70 -16.44 -9.67 3.32
N VAL A 71 -15.90 -10.08 2.17
CA VAL A 71 -14.43 -10.07 2.07
C VAL A 71 -13.86 -8.65 2.14
N HIS A 72 -14.52 -7.66 1.55
CA HIS A 72 -14.08 -6.28 1.67
C HIS A 72 -13.97 -5.85 3.15
N LEU A 73 -15.01 -6.21 3.91
CA LEU A 73 -15.02 -5.86 5.35
C LEU A 73 -13.95 -6.61 6.11
N LEU A 74 -13.64 -7.86 5.76
CA LEU A 74 -12.55 -8.59 6.41
C LEU A 74 -11.21 -7.90 6.14
N PHE A 75 -11.03 -7.47 4.86
CA PHE A 75 -9.76 -6.78 4.58
C PHE A 75 -9.60 -5.53 5.46
N SER A 76 -10.69 -4.80 5.66
CA SER A 76 -10.61 -3.58 6.50
C SER A 76 -10.41 -3.97 7.95
N ALA A 77 -11.16 -4.97 8.44
CA ALA A 77 -11.01 -5.45 9.82
C ALA A 77 -9.58 -5.89 10.11
N ASN A 78 -8.93 -6.44 9.08
CA ASN A 78 -7.52 -6.84 9.20
C ASN A 78 -6.59 -5.67 9.42
N ARG A 79 -6.93 -4.50 8.89
CA ARG A 79 -6.15 -3.29 9.18
C ARG A 79 -6.50 -2.79 10.58
N TRP A 80 -7.77 -2.73 10.98
CA TRP A 80 -8.11 -2.23 12.31
C TRP A 80 -7.53 -3.09 13.43
N GLU A 81 -7.35 -4.38 13.21
CA GLU A 81 -6.79 -5.20 14.30
C GLU A 81 -5.34 -4.80 14.56
N GLN A 82 -4.69 -4.18 13.60
CA GLN A 82 -3.31 -3.74 13.78
C GLN A 82 -3.20 -2.31 14.24
N VAL A 83 -4.30 -1.55 14.37
CA VAL A 83 -4.23 -0.15 14.76
C VAL A 83 -3.62 0.07 16.12
N PRO A 84 -3.95 -0.69 17.15
CA PRO A 84 -3.27 -0.49 18.43
C PRO A 84 -1.76 -0.60 18.33
N LEU A 85 -1.25 -1.57 17.58
CA LEU A 85 0.19 -1.74 17.35
C LEU A 85 0.77 -0.59 16.55
N ILE A 86 0.08 -0.20 15.48
CA ILE A 86 0.54 0.92 14.67
C ILE A 86 0.69 2.18 15.50
N LYS A 87 -0.34 2.48 16.32
CA LYS A 87 -0.26 3.72 17.11
C LYS A 87 0.82 3.63 18.19
N GLU A 88 0.98 2.45 18.77
CA GLU A 88 2.02 2.31 19.80
C GLU A 88 3.40 2.52 19.19
N LYS A 89 3.61 1.84 18.06
CA LYS A 89 4.94 1.97 17.44
C LYS A 89 5.27 3.39 17.03
N LEU A 90 4.33 4.09 16.36
CA LEU A 90 4.58 5.44 15.92
C LEU A 90 4.86 6.35 17.13
N SER A 91 4.05 6.10 18.19
CA SER A 91 4.25 7.01 19.35
C SER A 91 5.60 6.75 19.99
N GLN A 92 6.19 5.57 19.82
CA GLN A 92 7.50 5.27 20.39
C GLN A 92 8.63 5.72 19.47
N GLY A 93 8.32 6.39 18.37
CA GLY A 93 9.36 6.88 17.48
C GLY A 93 9.74 5.92 16.37
N VAL A 94 8.95 4.86 16.19
CA VAL A 94 9.27 3.90 15.13
C VAL A 94 8.51 4.27 13.85
N THR A 95 9.23 4.42 12.77
CA THR A 95 8.62 4.66 11.46
C THR A 95 8.16 3.32 10.92
N LEU A 96 6.96 3.31 10.36
CA LEU A 96 6.39 2.07 9.82
C LEU A 96 6.28 2.24 8.32
N VAL A 97 6.79 1.24 7.63
CA VAL A 97 6.72 1.15 6.16
C VAL A 97 5.74 0.03 5.86
N VAL A 98 4.68 0.35 5.16
CA VAL A 98 3.53 -0.55 4.96
C VAL A 98 3.29 -0.89 3.50
N ASP A 99 3.39 -2.18 3.16
CA ASP A 99 3.21 -2.72 1.82
C ASP A 99 1.72 -2.97 1.62
N ARG A 100 1.04 -2.04 1.00
CA ARG A 100 -0.38 -1.99 0.79
C ARG A 100 -1.13 -1.51 2.06
N TYR A 101 -2.21 -0.77 1.77
CA TYR A 101 -3.05 -0.30 2.90
C TYR A 101 -4.49 -0.16 2.43
N ALA A 102 -5.23 0.80 2.97
CA ALA A 102 -6.63 0.97 2.61
C ALA A 102 -6.85 1.28 1.13
N PHE A 103 -5.84 1.88 0.47
CA PHE A 103 -6.03 2.27 -0.93
C PHE A 103 -6.18 1.00 -1.76
N SER A 104 -5.36 -0.03 -1.50
CA SER A 104 -5.57 -1.30 -2.22
C SER A 104 -6.95 -1.88 -1.86
N GLY A 105 -7.35 -1.76 -0.60
CA GLY A 105 -8.68 -2.30 -0.23
C GLY A 105 -9.77 -1.66 -1.09
N VAL A 106 -9.76 -0.36 -1.25
CA VAL A 106 -10.78 0.33 -2.05
C VAL A 106 -10.64 0.06 -3.54
N ALA A 107 -9.40 0.07 -4.02
CA ALA A 107 -9.22 -0.13 -5.47
C ALA A 107 -9.64 -1.50 -5.95
N PHE A 108 -9.32 -2.54 -5.19
CA PHE A 108 -9.62 -3.90 -5.59
C PHE A 108 -11.10 -4.19 -5.47
N THR A 109 -11.77 -3.86 -4.36
CA THR A 109 -13.21 -4.11 -4.35
C THR A 109 -13.95 -3.17 -5.31
N GLY A 110 -13.43 -1.96 -5.46
CA GLY A 110 -14.03 -0.93 -6.32
C GLY A 110 -13.96 -1.34 -7.80
N ALA A 111 -13.05 -2.25 -8.09
CA ALA A 111 -12.90 -2.77 -9.45
C ALA A 111 -14.05 -3.72 -9.80
N LYS A 112 -14.73 -4.25 -8.79
CA LYS A 112 -15.84 -5.18 -9.03
C LYS A 112 -17.08 -4.41 -9.41
N GLU A 113 -18.05 -5.14 -10.03
CA GLU A 113 -19.27 -4.48 -10.46
C GLU A 113 -20.16 -4.05 -9.29
N ASN A 114 -20.75 -2.88 -9.40
CA ASN A 114 -21.70 -2.36 -8.42
C ASN A 114 -21.14 -2.13 -7.02
N PHE A 115 -19.92 -1.63 -6.95
CA PHE A 115 -19.27 -1.23 -5.72
C PHE A 115 -18.82 0.22 -5.86
N SER A 116 -19.49 1.13 -5.18
CA SER A 116 -19.13 2.53 -5.27
C SER A 116 -17.84 2.78 -4.48
N LEU A 117 -17.09 3.77 -4.92
CA LEU A 117 -15.87 4.10 -4.14
C LEU A 117 -16.27 4.52 -2.75
N ASP A 118 -17.34 5.30 -2.59
CA ASP A 118 -17.82 5.75 -1.29
C ASP A 118 -18.06 4.57 -0.35
N TRP A 119 -18.86 3.59 -0.78
CA TRP A 119 -19.11 2.43 0.09
C TRP A 119 -17.82 1.70 0.47
N CYS A 120 -16.91 1.56 -0.51
CA CYS A 120 -15.65 0.89 -0.26
C CYS A 120 -14.77 1.60 0.77
N LYS A 121 -14.76 2.93 0.70
CA LYS A 121 -13.92 3.65 1.67
C LYS A 121 -14.40 3.57 3.09
N GLN A 122 -15.71 3.54 3.34
CA GLN A 122 -16.22 3.75 4.69
C GLN A 122 -15.65 2.89 5.79
N PRO A 123 -15.40 1.60 5.62
CA PRO A 123 -14.91 0.80 6.73
C PRO A 123 -13.54 1.29 7.21
N ASP A 124 -12.75 1.85 6.28
CA ASP A 124 -11.41 2.33 6.63
C ASP A 124 -11.36 3.78 7.09
N VAL A 125 -12.50 4.47 7.11
CA VAL A 125 -12.52 5.85 7.60
C VAL A 125 -12.09 5.85 9.05
N GLY A 126 -11.11 6.72 9.38
CA GLY A 126 -10.65 6.77 10.75
C GLY A 126 -9.31 6.05 11.01
N LEU A 127 -8.87 5.25 10.04
CA LEU A 127 -7.59 4.55 10.28
C LEU A 127 -6.47 5.58 10.43
N PRO A 128 -5.34 5.17 11.01
CA PRO A 128 -4.16 6.04 11.05
C PRO A 128 -3.88 6.54 9.65
N LYS A 129 -3.80 7.85 9.47
CA LYS A 129 -3.54 8.44 8.18
C LYS A 129 -2.08 8.39 7.79
N PRO A 130 -1.72 7.83 6.66
CA PRO A 130 -0.33 7.83 6.26
C PRO A 130 0.19 9.26 6.13
N ASP A 131 1.47 9.42 6.52
CA ASP A 131 2.15 10.70 6.30
C ASP A 131 2.68 10.84 4.90
N LEU A 132 2.82 9.68 4.21
CA LEU A 132 3.34 9.66 2.84
C LEU A 132 2.74 8.43 2.14
N VAL A 133 2.18 8.61 0.96
CA VAL A 133 1.65 7.47 0.22
C VAL A 133 2.44 7.44 -1.09
N LEU A 134 3.29 6.45 -1.30
CA LEU A 134 4.05 6.32 -2.53
C LEU A 134 3.24 5.48 -3.50
N PHE A 135 3.08 5.96 -4.73
CA PHE A 135 2.37 5.13 -5.71
C PHE A 135 3.39 4.75 -6.78
N LEU A 136 3.68 3.46 -6.84
CA LEU A 136 4.71 2.99 -7.79
C LEU A 136 4.06 2.76 -9.15
N GLN A 137 4.37 3.69 -10.07
CA GLN A 137 3.76 3.62 -11.42
C GLN A 137 4.61 2.81 -12.39
N LEU A 138 3.98 2.00 -13.23
N LEU A 138 3.94 1.96 -13.15
CA LEU A 138 4.67 1.16 -14.21
CA LEU A 138 4.63 1.10 -14.11
C LEU A 138 3.78 0.91 -15.43
C LEU A 138 3.57 0.71 -15.16
N GLN A 139 4.38 0.80 -16.61
N GLN A 139 3.97 0.82 -16.42
CA GLN A 139 3.62 0.56 -17.84
CA GLN A 139 2.97 0.43 -17.44
C GLN A 139 3.49 -0.95 -18.07
C GLN A 139 2.52 -0.97 -17.02
N LEU A 140 2.35 -1.40 -18.56
N LEU A 140 1.20 -1.15 -17.03
CA LEU A 140 2.05 -2.81 -18.78
CA LEU A 140 0.65 -2.47 -16.72
C LEU A 140 3.23 -3.52 -19.45
C LEU A 140 1.40 -3.52 -17.53
N ALA A 141 3.82 -2.91 -20.45
N ALA A 141 1.82 -3.11 -18.73
CA ALA A 141 4.94 -3.52 -21.16
CA ALA A 141 2.53 -4.03 -19.62
C ALA A 141 6.12 -3.80 -20.23
C ALA A 141 3.95 -4.30 -19.14
N ASP A 142 6.45 -2.81 -19.39
N ASP A 142 4.72 -3.27 -18.82
CA ASP A 142 7.56 -2.97 -18.46
CA ASP A 142 6.09 -3.45 -18.36
C ASP A 142 7.26 -3.96 -17.35
C ASP A 142 6.11 -4.32 -17.09
N ALA A 143 5.99 -4.09 -16.97
N ALA A 143 4.95 -4.35 -16.45
CA ALA A 143 5.64 -5.03 -15.91
CA ALA A 143 4.75 -5.06 -15.20
C ALA A 143 5.73 -6.47 -16.43
C ALA A 143 4.30 -6.51 -15.34
N ALA A 144 5.31 -6.65 -17.67
N ALA A 144 3.65 -6.84 -16.45
CA ALA A 144 5.30 -7.97 -18.29
CA ALA A 144 3.21 -8.22 -16.67
C ALA A 144 6.66 -8.65 -18.22
C ALA A 144 4.41 -8.97 -17.27
N LYS A 145 7.72 -7.85 -18.28
N LYS A 145 5.46 -8.20 -17.48
CA LYS A 145 9.09 -8.35 -18.23
CA LYS A 145 6.72 -8.67 -18.05
C LYS A 145 9.49 -8.83 -16.84
C LYS A 145 7.64 -9.16 -16.93
N ARG A 146 8.62 -8.63 -15.85
N ARG A 146 7.52 -8.49 -15.78
CA ARG A 146 8.91 -9.05 -14.48
CA ARG A 146 8.31 -8.90 -14.62
C ARG A 146 8.37 -10.43 -14.17
C ARG A 146 7.81 -10.30 -14.24
N GLY A 147 8.06 -11.18 -15.23
CA GLY A 147 7.57 -12.55 -15.10
C GLY A 147 6.09 -12.56 -15.49
N ALA A 148 5.41 -13.65 -15.16
CA ALA A 148 4.01 -13.80 -15.49
C ALA A 148 3.10 -13.39 -14.34
N PHE A 149 1.80 -13.42 -14.64
CA PHE A 149 0.78 -13.10 -13.65
C PHE A 149 0.74 -14.18 -12.58
N GLY A 150 0.26 -13.82 -11.39
CA GLY A 150 0.15 -14.80 -10.32
C GLY A 150 -1.08 -15.68 -10.56
N HIS A 151 -1.30 -16.60 -9.62
CA HIS A 151 -2.44 -17.51 -9.70
C HIS A 151 -3.48 -17.13 -8.65
N GLU A 152 -3.22 -16.03 -7.95
CA GLU A 152 -4.16 -15.58 -6.92
C GLU A 152 -5.29 -14.81 -7.60
N ARG A 153 -6.36 -14.61 -6.81
CA ARG A 153 -7.48 -13.85 -7.31
C ARG A 153 -7.00 -12.46 -7.75
N TYR A 154 -7.67 -11.86 -8.71
CA TYR A 154 -7.41 -10.52 -9.17
C TYR A 154 -6.17 -10.39 -10.06
N GLU A 155 -5.46 -11.49 -10.24
CA GLU A 155 -4.26 -11.42 -11.07
C GLU A 155 -4.54 -11.64 -12.55
N ASN A 156 -5.21 -10.68 -13.17
CA ASN A 156 -5.49 -10.70 -14.59
C ASN A 156 -5.59 -9.25 -15.08
N GLY A 157 -5.16 -9.06 -16.32
CA GLY A 157 -5.11 -7.74 -16.90
C GLY A 157 -6.34 -6.89 -16.82
N ALA A 158 -7.52 -7.41 -17.17
CA ALA A 158 -8.72 -6.62 -17.17
C ALA A 158 -9.10 -6.15 -15.75
N PHE A 159 -8.88 -7.06 -14.80
CA PHE A 159 -9.21 -6.61 -13.42
C PHE A 159 -8.17 -5.60 -12.90
N GLN A 160 -6.89 -5.83 -13.22
CA GLN A 160 -5.89 -4.87 -12.74
C GLN A 160 -6.14 -3.49 -13.31
N GLU A 161 -6.61 -3.41 -14.56
CA GLU A 161 -6.89 -2.12 -15.17
C GLU A 161 -8.02 -1.38 -14.47
N ARG A 162 -9.07 -2.12 -14.06
CA ARG A 162 -10.14 -1.49 -13.31
C ARG A 162 -9.62 -1.02 -11.93
N ALA A 163 -8.74 -1.84 -11.35
CA ALA A 163 -8.21 -1.39 -10.03
C ALA A 163 -7.38 -0.13 -10.20
N LEU A 164 -6.56 -0.13 -11.27
CA LEU A 164 -5.77 1.08 -11.55
C LEU A 164 -6.63 2.32 -11.67
N ARG A 165 -7.78 2.27 -12.37
CA ARG A 165 -8.64 3.44 -12.48
C ARG A 165 -9.13 3.90 -11.12
N CYS A 166 -9.38 2.92 -10.23
CA CYS A 166 -9.85 3.30 -8.90
C CYS A 166 -8.71 4.01 -8.16
N PHE A 167 -7.48 3.48 -8.31
CA PHE A 167 -6.35 4.14 -7.66
C PHE A 167 -6.28 5.60 -8.14
N HIS A 168 -6.48 5.85 -9.43
CA HIS A 168 -6.42 7.22 -9.93
C HIS A 168 -7.52 8.08 -9.33
N GLN A 169 -8.69 7.49 -9.06
CA GLN A 169 -9.71 8.32 -8.41
C GLN A 169 -9.27 8.70 -6.99
N LEU A 170 -8.63 7.76 -6.30
CA LEU A 170 -8.19 7.99 -4.93
C LEU A 170 -7.08 9.03 -4.83
N MET A 171 -6.28 9.14 -5.88
CA MET A 171 -5.20 10.09 -5.88
C MET A 171 -5.68 11.53 -6.07
N LYS A 172 -6.93 11.70 -6.45
CA LYS A 172 -7.45 13.06 -6.56
C LYS A 172 -7.68 13.64 -5.17
N ASP A 173 -7.58 12.81 -4.13
CA ASP A 173 -7.81 13.23 -2.77
C ASP A 173 -6.62 14.04 -2.24
N THR A 174 -6.77 15.36 -2.18
CA THR A 174 -5.68 16.22 -1.74
C THR A 174 -5.45 16.20 -0.25
N THR A 175 -6.28 15.52 0.54
CA THR A 175 -6.02 15.45 1.98
C THR A 175 -4.77 14.59 2.19
N LEU A 176 -4.38 13.82 1.15
CA LEU A 176 -3.27 12.89 1.35
C LEU A 176 -1.99 13.26 0.63
N ASN A 177 -0.85 12.91 1.24
CA ASN A 177 0.48 13.24 0.70
C ASN A 177 0.93 12.17 -0.29
N TRP A 178 0.31 12.15 -1.47
CA TRP A 178 0.63 11.23 -2.52
C TRP A 178 1.92 11.64 -3.23
N LYS A 179 2.79 10.68 -3.48
CA LYS A 179 3.98 10.92 -4.28
C LYS A 179 4.06 9.81 -5.34
N MET A 180 4.16 10.20 -6.61
CA MET A 180 4.29 9.25 -7.69
C MET A 180 5.75 8.83 -7.78
N VAL A 181 5.97 7.55 -7.99
CA VAL A 181 7.31 7.01 -8.19
C VAL A 181 7.39 6.31 -9.51
N ASP A 182 8.43 6.61 -10.29
CA ASP A 182 8.62 5.91 -11.57
C ASP A 182 9.26 4.55 -11.29
N ALA A 183 8.40 3.54 -11.19
CA ALA A 183 8.81 2.19 -10.85
C ALA A 183 9.39 1.41 -12.01
N SER A 184 9.57 2.08 -13.17
CA SER A 184 10.15 1.41 -14.33
C SER A 184 11.67 1.34 -14.29
N LYS A 185 12.30 2.13 -13.44
CA LYS A 185 13.76 2.13 -13.31
C LYS A 185 14.24 0.87 -12.59
N SER A 186 15.54 0.80 -12.40
CA SER A 186 16.17 -0.34 -11.75
C SER A 186 15.70 -0.43 -10.29
N ILE A 187 15.93 -1.58 -9.70
CA ILE A 187 15.52 -1.69 -8.28
C ILE A 187 16.24 -0.65 -7.45
N GLU A 188 17.54 -0.49 -7.67
CA GLU A 188 18.32 0.47 -6.92
C GLU A 188 17.92 1.91 -7.20
N ALA A 189 17.62 2.28 -8.46
CA ALA A 189 17.24 3.66 -8.73
C ALA A 189 15.90 4.01 -8.10
N VAL A 190 14.94 3.06 -8.20
CA VAL A 190 13.62 3.25 -7.61
C VAL A 190 13.78 3.39 -6.09
N HIS A 191 14.64 2.54 -5.54
CA HIS A 191 14.90 2.59 -4.10
C HIS A 191 15.45 3.96 -3.70
N GLU A 192 16.43 4.49 -4.43
CA GLU A 192 16.92 5.82 -4.02
C GLU A 192 15.85 6.88 -4.06
N ASP A 193 14.96 6.87 -5.05
CA ASP A 193 13.90 7.86 -5.10
C ASP A 193 12.98 7.75 -3.88
N ILE A 194 12.63 6.48 -3.55
CA ILE A 194 11.74 6.26 -2.39
C ILE A 194 12.42 6.62 -1.07
N ARG A 195 13.71 6.29 -0.99
CA ARG A 195 14.45 6.55 0.25
C ARG A 195 14.51 8.06 0.54
N VAL A 196 14.86 8.82 -0.48
CA VAL A 196 14.93 10.30 -0.23
C VAL A 196 13.60 10.89 0.14
N LEU A 197 12.51 10.49 -0.55
CA LEU A 197 11.18 10.96 -0.18
C LEU A 197 10.82 10.57 1.27
N SER A 198 11.20 9.35 1.66
CA SER A 198 10.94 8.84 2.98
C SER A 198 11.72 9.58 4.08
N GLU A 199 13.00 9.86 3.84
CA GLU A 199 13.75 10.65 4.82
C GLU A 199 13.07 12.02 5.04
N ASP A 200 12.60 12.63 3.95
CA ASP A 200 11.97 13.96 4.15
C ASP A 200 10.70 13.81 4.96
N ALA A 201 9.88 12.78 4.68
CA ALA A 201 8.64 12.60 5.41
C ALA A 201 8.89 12.36 6.88
N ILE A 202 9.89 11.56 7.22
CA ILE A 202 10.19 11.23 8.59
C ILE A 202 10.53 12.48 9.41
N ALA A 203 11.32 13.35 8.80
N ALA A 203 11.30 13.33 8.76
CA ALA A 203 11.68 14.58 9.52
CA ALA A 203 11.82 14.57 9.34
C ALA A 203 10.38 15.33 9.82
C ALA A 203 10.90 15.77 9.25
N THR A 204 9.54 15.50 8.82
N THR A 204 9.99 15.86 8.29
CA THR A 204 8.30 16.27 8.97
CA THR A 204 9.14 17.05 8.25
C THR A 204 7.21 15.66 9.81
C THR A 204 7.66 16.76 8.49
N ALA A 205 7.10 14.34 9.90
N ALA A 205 7.18 15.63 8.00
CA ALA A 205 6.06 13.70 10.71
CA ALA A 205 5.76 15.28 8.11
C ALA A 205 6.15 14.01 12.19
C ALA A 205 5.35 14.97 9.52
N THR A 206 7.36 14.30 12.68
N THR A 206 6.30 14.53 10.34
CA THR A 206 7.58 14.63 14.08
CA THR A 206 6.08 14.14 11.71
C THR A 206 6.93 15.98 14.42
C THR A 206 5.93 15.27 12.72
N GLU A 207 6.49 16.71 13.40
N GLU A 207 6.08 16.52 12.33
CA GLU A 207 5.89 18.01 13.60
CA GLU A 207 5.95 17.63 13.28
C GLU A 207 4.37 18.08 13.66
C GLU A 207 4.52 17.80 13.77
N LYS A 208 3.62 17.14 13.09
CA LYS A 208 2.16 17.26 13.21
C LYS A 208 1.65 15.93 13.72
N PRO A 209 0.56 15.92 14.47
CA PRO A 209 0.02 14.69 15.02
C PRO A 209 -0.41 13.70 13.92
N LEU A 210 -0.41 12.43 14.28
CA LEU A 210 -0.91 11.41 13.34
C LEU A 210 -2.36 11.74 13.01
N GLY A 211 -2.68 11.75 11.73
CA GLY A 211 -4.00 12.07 11.24
C GLY A 211 -4.94 10.85 11.18
N GLU A 212 -6.18 11.14 10.77
CA GLU A 212 -7.17 10.09 10.61
C GLU A 212 -7.55 10.05 9.13
N LEU A 213 -7.58 8.84 8.56
CA LEU A 213 -7.82 8.71 7.14
C LEU A 213 -9.28 9.00 6.75
N TRP A 214 -9.46 9.81 5.71
CA TRP A 214 -10.77 10.07 5.11
C TRP A 214 -11.77 10.70 6.06
N LYS A 215 -11.25 11.45 7.04
CA LYS A 215 -12.15 12.21 7.92
C LYS A 215 -11.40 13.42 8.44
MG MG B . 4.03 -7.71 -3.12
MG MG C . -21.35 8.98 4.30
P 2DT D . -0.12 -9.08 -2.38
OP1 2DT D . 0.05 -10.07 -1.21
OP2 2DT D . 0.62 -9.73 -3.52
OP3 2DT D . 0.14 -7.68 -1.94
O5' 2DT D . -1.62 -9.41 -2.73
N1 2DT D . -6.19 -6.68 -1.62
C6 2DT D . -5.25 -6.18 -0.74
C2 2DT D . -7.57 -6.48 -1.46
O2 2DT D . -8.41 -6.91 -2.24
N3 2DT D . -7.92 -5.71 -0.36
C4 2DT D . -7.05 -5.17 0.55
O4 2DT D . -7.52 -4.51 1.49
C5 2DT D . -5.67 -5.45 0.31
C5M 2DT D . -4.68 -4.85 1.30
C2' 2DT D . -4.87 -7.03 -3.69
C5' 2DT D . -2.70 -9.00 -1.86
C4' 2DT D . -3.86 -8.92 -2.82
O4' 2DT D . -5.09 -8.66 -2.07
C1' 2DT D . -5.80 -7.61 -2.68
C3' 2DT D . -3.81 -7.78 -3.76
PB ADP E . 4.76 -6.16 -5.89
O1B ADP E . 4.42 -4.76 -6.27
O2B ADP E . 4.84 -6.51 -4.46
O3B ADP E . 3.83 -7.23 -6.63
PA ADP E . 7.49 -7.24 -6.15
O1A ADP E . 7.14 -8.56 -5.58
O2A ADP E . 8.37 -6.38 -5.30
O3A ADP E . 6.20 -6.41 -6.60
O5' ADP E . 8.26 -7.41 -7.51
C5' ADP E . 7.66 -8.26 -8.53
C4' ADP E . 8.81 -8.92 -9.29
O4' ADP E . 9.43 -7.92 -10.10
C3' ADP E . 9.88 -9.55 -8.41
O3' ADP E . 10.43 -10.66 -9.11
C2' ADP E . 10.95 -8.44 -8.37
O2' ADP E . 12.24 -8.90 -8.16
C1' ADP E . 10.78 -7.78 -9.74
N9 ADP E . 11.08 -6.33 -9.65
C8 ADP E . 10.78 -5.48 -8.60
N7 ADP E . 11.15 -4.24 -8.84
C5 ADP E . 11.76 -4.28 -10.12
C6 ADP E . 12.35 -3.30 -10.89
N6 ADP E . 12.48 -2.05 -10.59
N1 ADP E . 12.79 -3.78 -12.09
C2 ADP E . 12.68 -5.04 -12.47
N3 ADP E . 12.13 -6.05 -11.79
C4 ADP E . 11.70 -5.55 -10.63
#